data_8HUT
#
_entry.id   8HUT
#
_cell.length_a   80.201
_cell.length_b   95.284
_cell.length_c   98.678
_cell.angle_alpha   90.000
_cell.angle_beta   90.000
_cell.angle_gamma   90.000
#
_symmetry.space_group_name_H-M   'P 21 21 21'
#
loop_
_entity.id
_entity.type
_entity.pdbx_description
1 polymer ORF1a
2 non-polymer 6-[(6-chloranyl-2-methyl-indazol-5-yl)amino]-3-[(1-methyl-1,2,4-triazol-3-yl)methyl]-1-[[2,4,5-tris(fluoranyl)phenyl]methyl]-1,3,5-triazine-2,4-dione
3 water water
#
_entity_poly.entity_id   1
_entity_poly.type   'polypeptide(L)'
_entity_poly.pdbx_seq_one_letter_code
;GLVKMSHPSGDVEACMVQVTCGSMTLNGLWLDNTVWCPRHVMCPADQLSDPNYDALLISMTNHSFSVQKHIGAPANLRVV
GHAMQGTLLKLTVDVANPSTPAYTFTTVKPGAAFSVLACYNGRPTGTFTVVMRPNYTIKGSFLCGSAGSVGYTKEGSVIN
FCYMHQMELANGTHTGSAFDGTMYGAFMDKQVHQVQLTDKYCSVNVVAWLYAAILNGCAWFVKPNRTSVVSFNEWALANQ
FTEFVGTQSVDMLAVKTGVAIEQLLYAIQQLYTGFQGKQILGSTMLEDEFTPEDVNMQIM
;
_entity_poly.pdbx_strand_id   A,B
#
loop_
_chem_comp.id
_chem_comp.type
_chem_comp.name
_chem_comp.formula
7YY non-polymer 6-[(6-chloranyl-2-methyl-indazol-5-yl)amino]-3-[(1-methyl-1,2,4-triazol-3-yl)methyl]-1-[[2,4,5-tris(fluoranyl)phenyl]methyl]-1,3,5-triazine-2,4-dione 'C22 H17 Cl F3 N9 O2'
#
# COMPACT_ATOMS: atom_id res chain seq x y z
N LEU A 2 7.62 9.70 -2.27
CA LEU A 2 7.08 8.76 -3.26
C LEU A 2 6.75 7.40 -2.68
N VAL A 3 5.56 7.30 -2.14
CA VAL A 3 5.06 6.10 -1.51
C VAL A 3 4.06 5.42 -2.45
N LYS A 4 3.92 4.10 -2.32
CA LYS A 4 2.83 3.38 -3.00
C LYS A 4 1.51 3.69 -2.29
N MET A 5 0.67 4.50 -2.91
CA MET A 5 -0.56 4.99 -2.29
C MET A 5 -1.78 4.26 -2.84
N SER A 6 -2.68 3.84 -1.94
CA SER A 6 -3.97 3.25 -2.27
C SER A 6 -5.10 4.12 -1.75
N HIS A 7 -6.29 3.97 -2.34
CA HIS A 7 -7.46 4.63 -1.81
C HIS A 7 -7.86 3.98 -0.48
N PRO A 8 -8.44 4.73 0.45
CA PRO A 8 -9.06 4.09 1.63
C PRO A 8 -10.04 3.02 1.17
N SER A 9 -10.01 1.85 1.81
CA SER A 9 -10.73 0.68 1.31
C SER A 9 -12.11 0.46 1.91
N GLY A 10 -12.53 1.33 2.85
CA GLY A 10 -13.77 1.06 3.59
C GLY A 10 -14.99 0.93 2.71
N ASP A 11 -15.10 1.80 1.70
CA ASP A 11 -16.24 1.79 0.79
C ASP A 11 -16.40 0.43 0.12
N VAL A 12 -15.28 -0.17 -0.28
CA VAL A 12 -15.31 -1.45 -0.97
C VAL A 12 -15.44 -2.62 0.01
N GLU A 13 -14.82 -2.51 1.19
CA GLU A 13 -14.95 -3.57 2.20
C GLU A 13 -16.41 -3.89 2.48
N ALA A 14 -17.26 -2.86 2.52
CA ALA A 14 -18.68 -3.03 2.83
C ALA A 14 -19.44 -3.78 1.75
N CYS A 15 -18.82 -4.07 0.60
CA CYS A 15 -19.46 -4.76 -0.50
C CYS A 15 -18.96 -6.18 -0.71
N MET A 16 -17.97 -6.63 0.05
CA MET A 16 -17.37 -7.93 -0.22
C MET A 16 -18.20 -9.02 0.46
N VAL A 17 -18.48 -10.10 -0.28
CA VAL A 17 -19.21 -11.23 0.28
C VAL A 17 -18.48 -12.52 -0.10
N GLN A 18 -18.82 -13.60 0.59
CA GLN A 18 -18.34 -14.93 0.21
C GLN A 18 -19.42 -15.66 -0.58
N VAL A 19 -19.05 -16.21 -1.73
CA VAL A 19 -19.95 -16.93 -2.63
C VAL A 19 -19.50 -18.39 -2.71
N THR A 20 -20.44 -19.31 -2.51
CA THR A 20 -20.17 -20.74 -2.51
C THR A 20 -21.09 -21.42 -3.50
N CYS A 21 -20.54 -22.40 -4.24
CA CYS A 21 -21.33 -23.21 -5.17
C CYS A 21 -20.73 -24.60 -5.15
N GLY A 22 -21.47 -25.56 -4.61
CA GLY A 22 -20.94 -26.91 -4.51
C GLY A 22 -19.73 -26.93 -3.60
N SER A 23 -18.58 -27.33 -4.13
CA SER A 23 -17.37 -27.35 -3.33
C SER A 23 -16.48 -26.13 -3.55
N MET A 24 -16.85 -25.23 -4.46
CA MET A 24 -16.03 -24.07 -4.78
C MET A 24 -16.51 -22.87 -3.96
N THR A 25 -15.57 -22.04 -3.52
CA THR A 25 -15.91 -20.85 -2.76
C THR A 25 -14.92 -19.74 -3.08
N LEU A 26 -15.43 -18.52 -3.26
CA LEU A 26 -14.56 -17.39 -3.56
C LEU A 26 -15.26 -16.12 -3.12
N ASN A 27 -14.70 -14.97 -3.52
CA ASN A 27 -15.19 -13.65 -3.16
C ASN A 27 -16.15 -13.10 -4.19
N GLY A 28 -17.12 -12.30 -3.72
CA GLY A 28 -18.04 -11.63 -4.60
C GLY A 28 -18.19 -10.16 -4.23
N LEU A 29 -18.77 -9.39 -5.14
CA LEU A 29 -18.98 -7.96 -4.94
C LEU A 29 -20.48 -7.70 -4.97
N TRP A 30 -21.00 -7.20 -3.85
CA TRP A 30 -22.44 -6.97 -3.68
C TRP A 30 -22.74 -5.49 -3.90
N LEU A 31 -23.38 -5.18 -5.03
CA LEU A 31 -23.77 -3.82 -5.39
C LEU A 31 -25.28 -3.80 -5.62
N ASP A 32 -26.00 -3.04 -4.81
CA ASP A 32 -27.46 -3.02 -4.87
C ASP A 32 -28.00 -4.45 -4.82
N ASN A 33 -28.82 -4.88 -5.80
CA ASN A 33 -29.40 -6.21 -5.78
C ASN A 33 -28.57 -7.26 -6.55
N THR A 34 -27.32 -6.96 -6.87
CA THR A 34 -26.49 -7.84 -7.68
C THR A 34 -25.26 -8.28 -6.89
N VAL A 35 -24.88 -9.55 -7.01
CA VAL A 35 -23.60 -10.04 -6.51
C VAL A 35 -22.79 -10.51 -7.71
N TRP A 36 -21.62 -9.91 -7.90
CA TRP A 36 -20.71 -10.27 -8.99
C TRP A 36 -19.63 -11.21 -8.46
N CYS A 37 -19.35 -12.28 -9.19
CA CYS A 37 -18.27 -13.18 -8.81
C CYS A 37 -17.79 -13.93 -10.04
N PRO A 38 -16.57 -14.49 -10.01
CA PRO A 38 -16.08 -15.24 -11.18
C PRO A 38 -16.92 -16.50 -11.41
N ARG A 39 -17.16 -16.78 -12.69
CA ARG A 39 -17.99 -17.94 -13.05
C ARG A 39 -17.29 -19.27 -12.76
N HIS A 40 -15.97 -19.25 -12.52
CA HIS A 40 -15.26 -20.49 -12.18
C HIS A 40 -15.82 -21.15 -10.93
N VAL A 41 -16.55 -20.41 -10.09
CA VAL A 41 -17.16 -20.99 -8.90
C VAL A 41 -18.15 -22.09 -9.27
N MET A 42 -18.62 -22.13 -10.51
CA MET A 42 -19.55 -23.18 -10.95
C MET A 42 -18.84 -24.47 -11.33
N CYS A 43 -17.53 -24.46 -11.41
CA CYS A 43 -16.82 -25.55 -12.05
C CYS A 43 -16.61 -26.70 -11.08
N PRO A 44 -16.99 -27.93 -11.44
CA PRO A 44 -16.70 -29.08 -10.57
C PRO A 44 -15.23 -29.50 -10.67
N ALA A 45 -14.84 -30.40 -9.77
CA ALA A 45 -13.44 -30.82 -9.70
C ALA A 45 -13.01 -31.58 -10.95
N ASP A 46 -13.84 -32.51 -11.41
CA ASP A 46 -13.75 -32.97 -12.79
C ASP A 46 -14.21 -31.83 -13.70
N GLN A 47 -13.41 -31.50 -14.71
CA GLN A 47 -13.60 -30.43 -15.70
C GLN A 47 -12.97 -29.09 -15.28
N LEU A 48 -12.26 -29.03 -14.14
CA LEU A 48 -11.52 -27.81 -13.81
C LEU A 48 -10.59 -27.36 -14.94
N SER A 49 -10.14 -28.29 -15.80
CA SER A 49 -9.25 -27.95 -16.89
C SER A 49 -9.97 -27.67 -18.21
N ASP A 50 -11.24 -28.04 -18.33
CA ASP A 50 -12.00 -27.79 -19.55
C ASP A 50 -13.47 -27.67 -19.22
N PRO A 51 -13.87 -26.59 -18.55
CA PRO A 51 -15.27 -26.44 -18.16
C PRO A 51 -16.15 -26.06 -19.34
N ASN A 52 -17.39 -26.53 -19.29
CA ASN A 52 -18.42 -26.13 -20.25
C ASN A 52 -19.38 -25.20 -19.53
N TYR A 53 -18.99 -23.92 -19.43
CA TYR A 53 -19.73 -22.98 -18.60
C TYR A 53 -21.15 -22.79 -19.09
N ASP A 54 -21.37 -22.84 -20.42
CA ASP A 54 -22.72 -22.78 -20.95
C ASP A 54 -23.60 -23.89 -20.36
N ALA A 55 -23.10 -25.12 -20.41
CA ALA A 55 -23.84 -26.23 -19.82
C ALA A 55 -23.92 -26.11 -18.30
N LEU A 56 -22.79 -25.77 -17.67
CA LEU A 56 -22.78 -25.60 -16.21
C LEU A 56 -23.88 -24.62 -15.77
N LEU A 57 -24.08 -23.55 -16.54
CA LEU A 57 -25.06 -22.56 -16.11
C LEU A 57 -26.47 -23.13 -16.15
N ILE A 58 -26.78 -23.93 -17.19
CA ILE A 58 -28.10 -24.55 -17.27
C ILE A 58 -28.32 -25.51 -16.10
N SER A 59 -27.30 -26.27 -15.71
CA SER A 59 -27.46 -27.17 -14.58
C SER A 59 -27.68 -26.44 -13.26
N MET A 60 -27.50 -25.12 -13.22
CA MET A 60 -27.58 -24.37 -11.97
C MET A 60 -29.00 -23.87 -11.68
N THR A 61 -29.34 -23.86 -10.41
CA THR A 61 -30.54 -23.29 -9.82
C THR A 61 -30.11 -22.07 -9.00
N ASN A 62 -31.07 -21.18 -8.70
CA ASN A 62 -30.83 -20.16 -7.69
C ASN A 62 -30.38 -20.78 -6.37
N HIS A 63 -30.78 -22.02 -6.10
CA HIS A 63 -30.42 -22.69 -4.86
C HIS A 63 -29.02 -23.27 -4.89
N SER A 64 -28.36 -23.28 -6.05
CA SER A 64 -26.97 -23.73 -6.12
C SER A 64 -26.00 -22.76 -5.47
N PHE A 65 -26.41 -21.52 -5.21
CA PHE A 65 -25.51 -20.45 -4.80
C PHE A 65 -25.81 -20.02 -3.37
N SER A 66 -24.79 -19.98 -2.54
CA SER A 66 -24.93 -19.46 -1.18
C SER A 66 -24.01 -18.26 -1.03
N VAL A 67 -24.52 -17.22 -0.35
CA VAL A 67 -23.81 -15.94 -0.25
C VAL A 67 -23.85 -15.47 1.19
N GLN A 68 -22.69 -15.12 1.74
CA GLN A 68 -22.57 -14.57 3.09
C GLN A 68 -21.72 -13.31 3.09
N LYS A 69 -22.16 -12.33 3.88
CA LYS A 69 -21.38 -11.16 4.26
C LYS A 69 -20.91 -11.36 5.70
N HIS A 70 -19.59 -11.35 5.92
CA HIS A 70 -19.02 -11.66 7.22
C HIS A 70 -18.74 -10.40 8.05
N ILE A 71 -18.10 -9.42 7.46
CA ILE A 71 -17.68 -8.26 8.23
C ILE A 71 -18.81 -7.25 8.26
N GLY A 72 -18.66 -6.20 9.06
CA GLY A 72 -19.73 -5.23 9.17
C GLY A 72 -20.99 -5.87 9.71
N ALA A 73 -22.13 -5.52 9.11
CA ALA A 73 -23.42 -6.10 9.46
C ALA A 73 -23.61 -7.44 8.76
N PRO A 74 -23.59 -8.58 9.49
CA PRO A 74 -23.61 -9.91 8.83
C PRO A 74 -24.87 -10.27 8.02
N ALA A 75 -24.90 -11.50 7.45
CA ALA A 75 -25.50 -11.84 6.14
C ALA A 75 -26.79 -12.63 6.15
N ASN A 76 -27.85 -12.06 5.56
CA ASN A 76 -29.03 -12.81 5.18
C ASN A 76 -29.32 -12.55 3.70
N LEU A 77 -28.56 -13.22 2.81
CA LEU A 77 -28.70 -13.04 1.37
C LEU A 77 -29.31 -14.28 0.74
N ARG A 78 -30.35 -14.08 -0.06
CA ARG A 78 -30.97 -15.14 -0.84
C ARG A 78 -30.81 -14.84 -2.32
N VAL A 79 -30.28 -15.80 -3.06
CA VAL A 79 -30.13 -15.66 -4.51
C VAL A 79 -31.48 -15.96 -5.16
N VAL A 80 -32.03 -14.97 -5.86
CA VAL A 80 -33.30 -15.13 -6.56
C VAL A 80 -33.14 -15.04 -8.06
N GLY A 81 -31.93 -14.91 -8.56
CA GLY A 81 -31.68 -14.91 -9.99
C GLY A 81 -30.22 -15.14 -10.31
N HIS A 82 -29.92 -15.69 -11.47
CA HIS A 82 -28.54 -15.92 -11.84
C HIS A 82 -28.41 -15.78 -13.33
N ALA A 83 -27.29 -15.18 -13.75
CA ALA A 83 -26.98 -14.99 -15.15
C ALA A 83 -25.47 -15.02 -15.29
N MET A 84 -25.00 -15.20 -16.51
CA MET A 84 -23.59 -15.24 -16.81
C MET A 84 -23.27 -14.13 -17.79
N GLN A 85 -22.21 -13.37 -17.52
CA GLN A 85 -21.79 -12.28 -18.39
C GLN A 85 -20.30 -12.40 -18.64
N GLY A 86 -19.93 -12.94 -19.81
CA GLY A 86 -18.53 -13.24 -20.10
C GLY A 86 -17.99 -14.20 -19.06
N THR A 87 -16.90 -13.81 -18.39
CA THR A 87 -16.27 -14.65 -17.36
C THR A 87 -16.83 -14.39 -15.95
N LEU A 88 -17.91 -13.63 -15.83
CA LEU A 88 -18.50 -13.32 -14.54
C LEU A 88 -19.90 -13.90 -14.41
N LEU A 89 -20.27 -14.24 -13.18
CA LEU A 89 -21.66 -14.48 -12.83
C LEU A 89 -22.29 -13.20 -12.30
N LYS A 90 -23.53 -12.96 -12.71
CA LYS A 90 -24.36 -11.88 -12.19
C LYS A 90 -25.49 -12.54 -11.39
N LEU A 91 -25.36 -12.55 -10.07
CA LEU A 91 -26.38 -13.11 -9.19
C LEU A 91 -27.29 -12.00 -8.69
N THR A 92 -28.60 -12.27 -8.66
CA THR A 92 -29.56 -11.33 -8.09
C THR A 92 -29.97 -11.80 -6.70
N VAL A 93 -29.91 -10.89 -5.72
CA VAL A 93 -30.27 -11.21 -4.34
C VAL A 93 -31.45 -10.35 -3.97
N ASP A 94 -32.14 -10.74 -2.89
CA ASP A 94 -33.42 -10.13 -2.56
C ASP A 94 -33.29 -8.97 -1.59
N VAL A 95 -32.06 -8.56 -1.25
CA VAL A 95 -31.79 -7.39 -0.44
C VAL A 95 -30.79 -6.52 -1.19
N ALA A 96 -31.11 -5.23 -1.35
CA ALA A 96 -30.15 -4.29 -1.94
C ALA A 96 -29.10 -3.89 -0.89
N ASN A 97 -27.82 -3.97 -1.24
CA ASN A 97 -26.76 -3.64 -0.29
C ASN A 97 -26.96 -2.21 0.20
N PRO A 98 -27.22 -2.00 1.50
CA PRO A 98 -27.48 -0.64 1.98
C PRO A 98 -26.22 0.22 2.08
N SER A 99 -25.04 -0.34 1.86
CA SER A 99 -23.81 0.43 1.78
C SER A 99 -23.25 0.46 0.36
N THR A 100 -24.10 0.43 -0.65
CA THR A 100 -23.58 0.47 -2.02
C THR A 100 -23.03 1.87 -2.28
N PRO A 101 -21.77 2.01 -2.67
CA PRO A 101 -21.27 3.33 -3.07
C PRO A 101 -21.80 3.71 -4.44
N ALA A 102 -21.77 5.01 -4.72
CA ALA A 102 -21.88 5.44 -6.11
C ALA A 102 -20.72 4.84 -6.91
N TYR A 103 -21.02 4.30 -8.10
CA TYR A 103 -20.00 3.52 -8.80
C TYR A 103 -20.22 3.53 -10.29
N THR A 104 -19.16 3.15 -11.01
CA THR A 104 -19.17 2.90 -12.45
C THR A 104 -18.32 1.65 -12.74
N PHE A 105 -18.46 1.15 -13.96
CA PHE A 105 -17.65 0.05 -14.47
C PHE A 105 -16.86 0.61 -15.65
N THR A 106 -15.54 0.65 -15.56
CA THR A 106 -14.76 1.07 -16.71
C THR A 106 -13.49 0.23 -16.79
N THR A 107 -13.16 -0.18 -18.00
CA THR A 107 -11.97 -0.96 -18.25
C THR A 107 -10.74 -0.05 -18.23
N VAL A 108 -9.68 -0.48 -17.55
CA VAL A 108 -8.45 0.31 -17.47
C VAL A 108 -7.51 -0.10 -18.58
N LYS A 109 -6.61 0.81 -18.94
CA LYS A 109 -5.63 0.62 -20.00
C LYS A 109 -4.24 0.39 -19.42
N PRO A 110 -3.35 -0.26 -20.18
CA PRO A 110 -2.00 -0.50 -19.67
C PRO A 110 -1.35 0.79 -19.19
N GLY A 111 -0.59 0.70 -18.10
CA GLY A 111 0.08 1.83 -17.50
C GLY A 111 -0.71 2.51 -16.40
N ALA A 112 -2.03 2.39 -16.40
CA ALA A 112 -2.86 3.02 -15.38
C ALA A 112 -2.84 2.21 -14.09
N ALA A 113 -2.95 2.91 -12.97
CA ALA A 113 -2.87 2.34 -11.63
C ALA A 113 -4.26 2.22 -11.00
N PHE A 114 -4.44 1.20 -10.16
CA PHE A 114 -5.66 1.10 -9.35
C PHE A 114 -5.37 0.41 -8.02
N SER A 115 -6.27 0.61 -7.05
CA SER A 115 -6.18 -0.04 -5.76
C SER A 115 -6.84 -1.41 -5.83
N VAL A 116 -6.27 -2.37 -5.09
CA VAL A 116 -6.81 -3.72 -4.98
C VAL A 116 -7.10 -4.00 -3.51
N LEU A 117 -8.28 -4.54 -3.21
CA LEU A 117 -8.61 -5.03 -1.89
C LEU A 117 -8.56 -6.56 -1.97
N ALA A 118 -7.50 -7.14 -1.43
CA ALA A 118 -7.37 -8.58 -1.40
C ALA A 118 -8.22 -9.17 -0.28
N CYS A 119 -8.99 -10.22 -0.61
CA CYS A 119 -9.94 -10.85 0.31
C CYS A 119 -9.84 -12.36 0.24
N TYR A 120 -10.20 -13.00 1.34
CA TYR A 120 -10.15 -14.46 1.41
C TYR A 120 -11.41 -14.92 2.12
N ASN A 121 -12.20 -15.75 1.44
CA ASN A 121 -13.49 -16.21 1.97
C ASN A 121 -14.37 -15.03 2.37
N GLY A 122 -14.37 -13.99 1.53
CA GLY A 122 -15.17 -12.82 1.78
C GLY A 122 -14.68 -11.90 2.86
N ARG A 123 -13.48 -12.11 3.39
CA ARG A 123 -12.95 -11.26 4.44
C ARG A 123 -11.79 -10.45 3.90
N PRO A 124 -11.83 -9.12 3.94
CA PRO A 124 -10.69 -8.33 3.41
C PRO A 124 -9.47 -8.52 4.29
N THR A 125 -8.30 -8.67 3.68
CA THR A 125 -7.08 -8.84 4.44
C THR A 125 -5.96 -7.87 4.10
N GLY A 126 -5.94 -7.27 2.91
CA GLY A 126 -4.86 -6.37 2.57
C GLY A 126 -5.26 -5.51 1.39
N THR A 127 -4.51 -4.42 1.20
CA THR A 127 -4.73 -3.52 0.08
C THR A 127 -3.38 -3.04 -0.44
N PHE A 128 -3.35 -2.76 -1.75
CA PHE A 128 -2.13 -2.36 -2.43
C PHE A 128 -2.55 -1.79 -3.76
N THR A 129 -1.61 -1.14 -4.43
CA THR A 129 -1.86 -0.53 -5.72
C THR A 129 -1.00 -1.23 -6.77
N VAL A 130 -1.58 -1.47 -7.94
CA VAL A 130 -0.89 -2.12 -9.05
C VAL A 130 -1.07 -1.23 -10.27
N VAL A 131 -0.23 -1.47 -11.28
CA VAL A 131 -0.48 -0.93 -12.61
C VAL A 131 -0.83 -2.10 -13.53
N MET A 132 -1.82 -1.88 -14.38
CA MET A 132 -2.11 -2.82 -15.45
C MET A 132 -0.91 -2.86 -16.38
N ARG A 133 -0.25 -4.03 -16.46
CA ARG A 133 0.98 -4.15 -17.26
C ARG A 133 0.67 -4.11 -18.75
N PRO A 134 1.65 -3.75 -19.58
CA PRO A 134 1.43 -3.76 -21.02
C PRO A 134 1.01 -5.12 -21.57
N ASN A 135 1.32 -6.23 -20.91
CA ASN A 135 0.85 -7.54 -21.36
C ASN A 135 -0.44 -7.96 -20.67
N TYR A 136 -1.17 -7.01 -20.06
CA TYR A 136 -2.51 -7.24 -19.52
C TYR A 136 -2.51 -8.23 -18.37
N THR A 137 -1.45 -8.18 -17.57
CA THR A 137 -1.37 -8.85 -16.29
C THR A 137 -1.16 -7.79 -15.19
N ILE A 138 -1.24 -8.21 -13.93
CA ILE A 138 -0.82 -7.37 -12.83
C ILE A 138 0.07 -8.19 -11.92
N LYS A 139 0.92 -7.47 -11.18
CA LYS A 139 1.86 -8.05 -10.21
C LYS A 139 1.40 -7.60 -8.82
N GLY A 140 0.42 -8.29 -8.28
CA GLY A 140 -0.07 -7.95 -6.96
C GLY A 140 0.58 -8.81 -5.89
N SER A 141 -0.12 -8.95 -4.78
CA SER A 141 0.21 -9.96 -3.78
C SER A 141 -1.08 -10.73 -3.53
N PHE A 142 -1.20 -11.90 -4.14
CA PHE A 142 -2.42 -12.70 -4.06
C PHE A 142 -2.07 -14.12 -3.66
N LEU A 143 -2.81 -14.68 -2.71
CA LEU A 143 -2.69 -16.08 -2.35
C LEU A 143 -3.98 -16.82 -2.75
N CYS A 144 -3.97 -18.12 -2.53
CA CYS A 144 -5.17 -18.92 -2.78
C CYS A 144 -6.33 -18.41 -1.93
N GLY A 145 -7.52 -18.38 -2.53
CA GLY A 145 -8.69 -17.85 -1.88
C GLY A 145 -8.96 -16.39 -2.20
N SER A 146 -8.16 -15.79 -3.07
CA SER A 146 -8.33 -14.40 -3.45
C SER A 146 -9.15 -14.21 -4.71
N ALA A 147 -9.52 -15.29 -5.42
CA ALA A 147 -10.32 -15.12 -6.64
C ALA A 147 -11.55 -14.29 -6.31
N GLY A 148 -11.83 -13.30 -7.14
CA GLY A 148 -12.95 -12.43 -6.90
C GLY A 148 -12.63 -11.16 -6.14
N SER A 149 -11.39 -10.98 -5.66
CA SER A 149 -10.97 -9.71 -5.10
C SER A 149 -11.07 -8.62 -6.17
N VAL A 150 -11.18 -7.39 -5.72
CA VAL A 150 -11.68 -6.29 -6.54
C VAL A 150 -10.63 -5.17 -6.64
N GLY A 151 -10.47 -4.63 -7.84
CA GLY A 151 -9.63 -3.47 -8.05
C GLY A 151 -10.46 -2.29 -8.50
N TYR A 152 -10.01 -1.08 -8.14
CA TYR A 152 -10.88 0.08 -8.31
C TYR A 152 -10.08 1.37 -8.19
N THR A 153 -10.63 2.43 -8.76
CA THR A 153 -10.20 3.79 -8.49
C THR A 153 -11.38 4.56 -7.91
N LYS A 154 -11.11 5.76 -7.40
CA LYS A 154 -12.14 6.62 -6.82
C LYS A 154 -11.92 8.03 -7.32
N GLU A 155 -12.97 8.66 -7.84
CA GLU A 155 -12.92 10.06 -8.29
C GLU A 155 -14.12 10.79 -7.66
N GLY A 156 -13.83 11.71 -6.75
CA GLY A 156 -14.90 12.31 -5.97
C GLY A 156 -15.59 11.24 -5.15
N SER A 157 -16.92 11.19 -5.22
CA SER A 157 -17.66 10.20 -4.47
C SER A 157 -17.91 8.91 -5.26
N VAL A 158 -17.33 8.78 -6.46
CA VAL A 158 -17.66 7.68 -7.38
C VAL A 158 -16.51 6.69 -7.42
N ILE A 159 -16.80 5.44 -7.05
CA ILE A 159 -15.84 4.34 -7.19
C ILE A 159 -15.93 3.80 -8.61
N ASN A 160 -14.80 3.73 -9.33
CA ASN A 160 -14.75 3.01 -10.60
C ASN A 160 -14.21 1.61 -10.34
N PHE A 161 -15.07 0.60 -10.46
CA PHE A 161 -14.61 -0.77 -10.38
C PHE A 161 -14.03 -1.19 -11.72
N CYS A 162 -12.80 -1.70 -11.72
CA CYS A 162 -12.13 -2.02 -12.98
C CYS A 162 -11.56 -3.43 -13.05
N TYR A 163 -11.55 -4.20 -11.95
CA TYR A 163 -10.81 -5.44 -11.92
C TYR A 163 -11.48 -6.40 -10.94
N MET A 164 -11.75 -7.62 -11.39
CA MET A 164 -12.13 -8.71 -10.50
C MET A 164 -11.15 -9.85 -10.69
N HIS A 165 -10.42 -10.18 -9.62
CA HIS A 165 -9.32 -11.10 -9.70
C HIS A 165 -9.82 -12.49 -10.09
N GLN A 166 -9.11 -13.13 -11.04
CA GLN A 166 -9.44 -14.48 -11.46
C GLN A 166 -8.33 -15.48 -11.14
N MET A 167 -7.12 -15.31 -11.71
CA MET A 167 -6.16 -16.39 -11.82
C MET A 167 -4.72 -15.94 -11.59
N GLU A 168 -3.94 -16.82 -10.97
CA GLU A 168 -2.47 -16.72 -11.00
C GLU A 168 -2.00 -17.46 -12.25
N LEU A 169 -1.27 -16.76 -13.12
CA LEU A 169 -0.78 -17.36 -14.36
C LEU A 169 0.58 -18.03 -14.11
N ALA A 170 1.54 -17.23 -13.65
CA ALA A 170 2.83 -17.69 -13.15
C ALA A 170 3.00 -17.08 -11.78
N ASN A 171 4.07 -17.49 -11.09
CA ASN A 171 4.32 -16.96 -9.76
C ASN A 171 4.43 -15.44 -9.80
N GLY A 172 3.57 -14.77 -9.03
CA GLY A 172 3.56 -13.32 -8.94
C GLY A 172 2.91 -12.60 -10.09
N THR A 173 2.33 -13.32 -11.06
CA THR A 173 1.71 -12.74 -12.23
C THR A 173 0.25 -13.20 -12.27
N HIS A 174 -0.68 -12.25 -12.43
CA HIS A 174 -2.09 -12.52 -12.23
C HIS A 174 -2.90 -11.85 -13.32
N THR A 175 -4.12 -12.32 -13.54
CA THR A 175 -5.04 -11.54 -14.36
C THR A 175 -6.47 -11.70 -13.83
N GLY A 176 -7.37 -10.96 -14.45
CA GLY A 176 -8.74 -10.89 -13.98
C GLY A 176 -9.62 -10.31 -15.05
N SER A 177 -10.89 -10.08 -14.68
CA SER A 177 -11.89 -9.53 -15.58
C SER A 177 -12.16 -8.06 -15.29
N ALA A 178 -12.55 -7.35 -16.33
CA ALA A 178 -13.33 -6.13 -16.17
C ALA A 178 -14.78 -6.49 -15.88
N PHE A 179 -15.52 -5.52 -15.35
CA PHE A 179 -16.88 -5.85 -14.93
C PHE A 179 -17.87 -5.93 -16.09
N ASP A 180 -17.46 -5.58 -17.31
CA ASP A 180 -18.21 -6.03 -18.47
C ASP A 180 -18.03 -7.51 -18.72
N GLY A 181 -17.10 -8.16 -18.02
CA GLY A 181 -16.95 -9.60 -18.04
C GLY A 181 -15.83 -10.12 -18.91
N THR A 182 -15.14 -9.23 -19.61
CA THR A 182 -14.02 -9.63 -20.46
C THR A 182 -12.76 -9.79 -19.63
N MET A 183 -12.02 -10.86 -19.90
CA MET A 183 -10.77 -11.06 -19.21
C MET A 183 -9.71 -10.12 -19.79
N TYR A 184 -8.99 -9.40 -18.92
CA TYR A 184 -7.82 -8.67 -19.41
C TYR A 184 -6.84 -9.64 -20.05
N GLY A 185 -6.33 -9.27 -21.22
CA GLY A 185 -5.39 -10.12 -21.93
C GLY A 185 -5.98 -11.35 -22.60
N ALA A 186 -7.30 -11.50 -22.57
CA ALA A 186 -8.02 -12.60 -23.24
C ALA A 186 -7.60 -13.98 -22.72
N PHE A 187 -6.99 -14.04 -21.53
CA PHE A 187 -6.69 -15.33 -20.93
C PHE A 187 -7.98 -16.11 -20.69
N MET A 188 -7.87 -17.43 -20.68
CA MET A 188 -9.02 -18.31 -20.50
C MET A 188 -9.15 -18.68 -19.03
N ASP A 189 -10.38 -18.68 -18.52
CA ASP A 189 -10.61 -18.98 -17.12
C ASP A 189 -10.80 -20.49 -16.95
N LYS A 190 -9.67 -21.19 -17.01
CA LYS A 190 -9.63 -22.62 -16.78
C LYS A 190 -8.24 -22.99 -16.28
N GLN A 191 -8.13 -24.19 -15.70
CA GLN A 191 -6.87 -24.72 -15.18
C GLN A 191 -6.06 -25.28 -16.35
N VAL A 192 -5.28 -24.40 -16.99
CA VAL A 192 -4.40 -24.79 -18.08
C VAL A 192 -3.25 -23.79 -18.13
N HIS A 193 -2.08 -24.27 -18.52
CA HIS A 193 -0.95 -23.36 -18.71
C HIS A 193 -1.22 -22.45 -19.89
N GLN A 194 -1.05 -21.15 -19.66
CA GLN A 194 -1.17 -20.14 -20.70
C GLN A 194 0.02 -19.21 -20.63
N VAL A 195 0.65 -18.98 -21.77
CA VAL A 195 1.82 -18.12 -21.83
C VAL A 195 1.37 -16.68 -22.08
N GLN A 196 2.01 -15.74 -21.41
CA GLN A 196 1.71 -14.33 -21.58
C GLN A 196 2.68 -13.69 -22.56
N LEU A 197 2.22 -12.61 -23.20
CA LEU A 197 3.13 -11.80 -24.00
C LEU A 197 4.22 -11.22 -23.12
N THR A 198 5.34 -10.88 -23.74
CA THR A 198 6.44 -10.27 -22.98
C THR A 198 6.00 -8.93 -22.42
N ASP A 199 6.41 -8.65 -21.19
CA ASP A 199 6.10 -7.37 -20.57
C ASP A 199 6.95 -6.26 -21.19
N LYS A 200 6.56 -5.02 -20.92
CA LYS A 200 7.29 -3.85 -21.38
C LYS A 200 7.31 -2.83 -20.26
N TYR A 201 8.31 -1.94 -20.31
CA TYR A 201 8.32 -0.75 -19.46
C TYR A 201 7.28 0.24 -19.93
N CYS A 202 6.50 0.82 -19.00
CA CYS A 202 5.53 1.87 -19.30
C CYS A 202 6.27 3.20 -19.37
N SER A 203 6.57 3.65 -20.60
CA SER A 203 7.48 4.78 -20.81
C SER A 203 6.97 6.06 -20.16
N VAL A 204 5.65 6.32 -20.22
CA VAL A 204 5.16 7.58 -19.65
C VAL A 204 5.33 7.60 -18.15
N ASN A 205 5.21 6.43 -17.50
CA ASN A 205 5.43 6.34 -16.06
C ASN A 205 6.91 6.45 -15.72
N VAL A 206 7.80 5.86 -16.53
CA VAL A 206 9.22 6.09 -16.29
C VAL A 206 9.52 7.58 -16.37
N VAL A 207 8.91 8.27 -17.32
CA VAL A 207 9.14 9.70 -17.48
C VAL A 207 8.64 10.45 -16.23
N ALA A 208 7.44 10.12 -15.75
CA ALA A 208 6.92 10.73 -14.54
C ALA A 208 7.86 10.54 -13.37
N TRP A 209 8.44 9.35 -13.25
CA TRP A 209 9.33 9.04 -12.11
C TRP A 209 10.64 9.85 -12.18
N LEU A 210 11.21 10.00 -13.38
CA LEU A 210 12.40 10.84 -13.54
C LEU A 210 12.11 12.30 -13.18
N TYR A 211 10.92 12.79 -13.55
CA TYR A 211 10.47 14.12 -13.10
C TYR A 211 10.39 14.19 -11.57
N ALA A 212 9.89 13.12 -10.93
CA ALA A 212 9.84 13.10 -9.47
C ALA A 212 11.25 13.19 -8.90
N ALA A 213 12.21 12.51 -9.53
CA ALA A 213 13.60 12.61 -9.09
C ALA A 213 14.13 14.03 -9.22
N ILE A 214 13.85 14.70 -10.33
CA ILE A 214 14.34 16.07 -10.53
C ILE A 214 13.75 16.99 -9.46
N LEU A 215 12.45 16.83 -9.20
CA LEU A 215 11.80 17.64 -8.16
C LEU A 215 12.44 17.42 -6.80
N ASN A 216 13.00 16.23 -6.57
CA ASN A 216 13.61 15.88 -5.29
C ASN A 216 15.11 16.13 -5.25
N GLY A 217 15.65 16.86 -6.23
CA GLY A 217 17.07 17.20 -6.22
C GLY A 217 18.00 16.15 -6.81
N CYS A 218 17.47 15.15 -7.51
CA CYS A 218 18.26 14.07 -8.08
C CYS A 218 18.13 14.18 -9.60
N ALA A 219 19.15 14.76 -10.24
CA ALA A 219 19.05 15.13 -11.64
C ALA A 219 20.36 14.92 -12.38
N TRP A 220 21.25 14.07 -11.86
CA TRP A 220 22.53 13.81 -12.50
C TRP A 220 22.39 13.27 -13.92
N PHE A 221 21.28 12.60 -14.23
CA PHE A 221 21.07 11.98 -15.55
C PHE A 221 20.56 12.94 -16.60
N VAL A 222 20.29 14.20 -16.26
CA VAL A 222 19.72 15.13 -17.21
C VAL A 222 20.85 15.74 -18.03
N LYS A 223 20.74 15.65 -19.35
CA LYS A 223 21.69 16.22 -20.30
C LYS A 223 20.97 17.24 -21.15
N PRO A 224 21.71 18.12 -21.84
CA PRO A 224 21.08 18.94 -22.89
C PRO A 224 20.51 18.11 -24.02
N ASN A 225 21.05 16.91 -24.24
CA ASN A 225 20.68 16.11 -25.40
C ASN A 225 19.22 15.72 -25.35
N ARG A 226 18.61 15.55 -26.53
CA ARG A 226 17.20 15.26 -26.67
C ARG A 226 16.98 14.14 -27.66
N THR A 227 15.89 13.41 -27.45
CA THR A 227 15.35 12.46 -28.39
C THR A 227 13.89 12.82 -28.61
N SER A 228 13.49 12.92 -29.88
CA SER A 228 12.12 13.27 -30.23
C SER A 228 11.16 12.16 -29.81
N VAL A 229 9.88 12.52 -29.68
CA VAL A 229 8.88 11.51 -29.35
C VAL A 229 8.83 10.44 -30.44
N VAL A 230 8.81 10.87 -31.70
CA VAL A 230 8.68 9.90 -32.79
C VAL A 230 9.91 9.00 -32.84
N SER A 231 11.10 9.56 -32.66
CA SER A 231 12.31 8.73 -32.68
C SER A 231 12.38 7.84 -31.44
N PHE A 232 11.94 8.36 -30.29
CA PHE A 232 11.88 7.49 -29.12
C PHE A 232 10.96 6.31 -29.36
N ASN A 233 9.81 6.55 -29.99
CA ASN A 233 8.83 5.48 -30.16
C ASN A 233 9.31 4.44 -31.17
N GLU A 234 10.14 4.82 -32.14
CA GLU A 234 10.79 3.80 -32.97
C GLU A 234 11.75 2.96 -32.14
N TRP A 235 12.53 3.61 -31.28
CA TRP A 235 13.45 2.87 -30.41
C TRP A 235 12.69 1.96 -29.45
N ALA A 236 11.56 2.43 -28.91
CA ALA A 236 10.81 1.64 -27.94
C ALA A 236 10.33 0.32 -28.54
N LEU A 237 9.93 0.33 -29.82
CA LEU A 237 9.47 -0.88 -30.49
C LEU A 237 10.54 -1.96 -30.49
N ALA A 238 11.81 -1.57 -30.44
CA ALA A 238 12.92 -2.49 -30.47
C ALA A 238 13.46 -2.84 -29.09
N ASN A 239 12.94 -2.22 -28.02
CA ASN A 239 13.56 -2.38 -26.70
C ASN A 239 12.55 -2.63 -25.59
N GLN A 240 11.35 -3.11 -25.92
CA GLN A 240 10.34 -3.48 -24.92
C GLN A 240 10.00 -2.30 -24.02
N PHE A 241 9.75 -1.15 -24.64
CA PHE A 241 9.12 0.00 -23.99
C PHE A 241 7.81 0.27 -24.72
N THR A 242 6.82 0.73 -23.98
CA THR A 242 5.59 1.17 -24.60
C THR A 242 5.82 2.43 -25.42
N GLU A 243 4.94 2.67 -26.37
CA GLU A 243 4.89 3.95 -27.06
C GLU A 243 4.63 5.09 -26.07
N PHE A 244 5.43 6.15 -26.14
CA PHE A 244 5.19 7.31 -25.29
C PHE A 244 4.08 8.19 -25.86
N VAL A 245 3.09 8.50 -25.03
CA VAL A 245 1.99 9.38 -25.39
C VAL A 245 1.92 10.45 -24.30
N GLY A 246 2.19 11.70 -24.67
CA GLY A 246 2.16 12.77 -23.69
C GLY A 246 0.75 13.09 -23.21
N THR A 247 0.66 13.67 -22.02
CA THR A 247 -0.60 14.10 -21.43
C THR A 247 -0.39 15.43 -20.74
N GLN A 248 -1.50 16.10 -20.40
CA GLN A 248 -1.42 17.35 -19.65
C GLN A 248 -0.75 17.15 -18.29
N SER A 249 -0.93 15.97 -17.69
CA SER A 249 -0.24 15.68 -16.42
C SER A 249 1.29 15.73 -16.59
N VAL A 250 1.81 15.15 -17.67
CA VAL A 250 3.25 15.20 -17.92
C VAL A 250 3.70 16.65 -18.19
N ASP A 251 2.91 17.39 -18.98
CA ASP A 251 3.30 18.75 -19.31
C ASP A 251 3.47 19.61 -18.06
N MET A 252 2.64 19.37 -17.05
CA MET A 252 2.76 20.11 -15.80
C MET A 252 4.12 19.88 -15.16
N LEU A 253 4.61 18.64 -15.20
CA LEU A 253 5.92 18.36 -14.62
C LEU A 253 7.03 19.03 -15.40
N ALA A 254 6.97 18.98 -16.73
CA ALA A 254 7.95 19.66 -17.56
C ALA A 254 8.01 21.17 -17.28
N VAL A 255 6.84 21.81 -17.17
CA VAL A 255 6.81 23.23 -16.85
C VAL A 255 7.46 23.50 -15.51
N LYS A 256 7.10 22.72 -14.49
CA LYS A 256 7.59 22.98 -13.14
C LYS A 256 9.11 22.84 -13.05
N THR A 257 9.66 21.75 -13.60
CA THR A 257 11.10 21.50 -13.49
C THR A 257 11.92 22.27 -14.51
N GLY A 258 11.33 22.66 -15.63
CA GLY A 258 12.06 23.26 -16.73
C GLY A 258 12.78 22.28 -17.63
N VAL A 259 12.57 20.98 -17.42
CA VAL A 259 13.23 19.93 -18.21
C VAL A 259 12.20 19.37 -19.20
N ALA A 260 12.57 19.37 -20.48
CA ALA A 260 11.66 18.94 -21.54
C ALA A 260 11.52 17.42 -21.56
N ILE A 261 10.32 16.96 -21.98
CA ILE A 261 10.07 15.54 -22.16
C ILE A 261 11.17 14.89 -22.99
N GLU A 262 11.58 15.56 -24.08
CA GLU A 262 12.58 14.97 -24.97
C GLU A 262 13.95 14.79 -24.31
N GLN A 263 14.27 15.60 -23.30
CA GLN A 263 15.49 15.35 -22.54
C GLN A 263 15.39 14.04 -21.75
N LEU A 264 14.22 13.76 -21.17
CA LEU A 264 14.08 12.54 -20.40
C LEU A 264 13.96 11.31 -21.30
N LEU A 265 13.38 11.46 -22.49
CA LEU A 265 13.36 10.34 -23.43
C LEU A 265 14.79 9.96 -23.82
N TYR A 266 15.66 10.96 -23.99
CA TYR A 266 17.07 10.66 -24.24
C TYR A 266 17.69 9.98 -23.03
N ALA A 267 17.38 10.46 -21.82
CA ALA A 267 17.99 9.88 -20.61
C ALA A 267 17.57 8.43 -20.41
N ILE A 268 16.32 8.09 -20.70
CA ILE A 268 15.86 6.71 -20.61
C ILE A 268 16.71 5.81 -21.49
N GLN A 269 17.00 6.28 -22.72
CA GLN A 269 17.82 5.49 -23.63
C GLN A 269 19.20 5.22 -23.06
N GLN A 270 19.75 6.16 -22.28
CA GLN A 270 21.05 5.90 -21.67
C GLN A 270 20.91 5.08 -20.40
N LEU A 271 19.79 5.19 -19.70
CA LEU A 271 19.67 4.54 -18.40
C LEU A 271 19.27 3.07 -18.51
N TYR A 272 18.57 2.68 -19.59
CA TYR A 272 18.31 1.25 -19.71
C TYR A 272 19.61 0.47 -19.96
N THR A 273 20.67 1.13 -20.43
CA THR A 273 22.01 0.55 -20.56
C THR A 273 22.65 0.37 -19.18
N GLY A 274 21.88 0.56 -18.12
CA GLY A 274 22.36 0.42 -16.76
C GLY A 274 22.76 1.75 -16.15
N PHE A 275 22.61 1.84 -14.84
CA PHE A 275 22.89 3.08 -14.11
C PHE A 275 24.38 3.30 -13.84
N GLN A 276 25.26 2.52 -14.47
CA GLN A 276 26.64 2.41 -14.00
C GLN A 276 26.56 2.07 -12.51
N GLY A 277 27.15 2.88 -11.64
CA GLY A 277 27.06 2.60 -10.22
C GLY A 277 26.09 3.47 -9.43
N LYS A 278 25.22 4.22 -10.09
CA LYS A 278 24.45 5.26 -9.44
C LYS A 278 23.03 4.80 -9.09
N GLN A 279 22.33 5.64 -8.34
CA GLN A 279 20.95 5.37 -7.98
C GLN A 279 20.08 6.58 -8.28
N ILE A 280 18.79 6.31 -8.49
CA ILE A 280 17.77 7.34 -8.70
C ILE A 280 16.64 7.05 -7.72
N LEU A 281 16.39 7.98 -6.80
CA LEU A 281 15.33 7.86 -5.79
C LEU A 281 15.40 6.51 -5.09
N GLY A 282 16.60 6.17 -4.62
CA GLY A 282 16.79 4.92 -3.87
C GLY A 282 16.58 3.67 -4.70
N SER A 283 16.90 3.71 -5.98
CA SER A 283 16.69 2.55 -6.84
C SER A 283 17.79 2.49 -7.90
N THR A 284 18.16 1.28 -8.29
CA THR A 284 19.20 1.06 -9.29
C THR A 284 18.63 0.56 -10.62
N MET A 285 17.32 0.69 -10.82
CA MET A 285 16.68 0.32 -12.06
C MET A 285 15.55 1.30 -12.33
N LEU A 286 15.12 1.35 -13.58
CA LEU A 286 13.99 2.21 -13.95
C LEU A 286 12.72 1.74 -13.27
N GLU A 287 11.95 2.69 -12.76
CA GLU A 287 10.70 2.42 -12.05
C GLU A 287 9.53 2.91 -12.90
N ASP A 288 8.54 2.04 -13.14
CA ASP A 288 7.44 2.43 -14.03
C ASP A 288 6.04 2.21 -13.41
N GLU A 289 5.94 2.11 -12.10
CA GLU A 289 4.65 1.94 -11.46
C GLU A 289 4.11 3.23 -10.84
N PHE A 290 4.78 4.36 -11.05
CA PHE A 290 4.27 5.66 -10.63
C PHE A 290 3.81 6.45 -11.85
N THR A 291 2.53 6.85 -11.84
CA THR A 291 1.92 7.59 -12.96
C THR A 291 2.20 9.09 -12.86
N PRO A 292 2.05 9.81 -13.98
CA PRO A 292 2.14 11.27 -13.90
C PRO A 292 1.14 11.88 -12.93
N GLU A 293 -0.09 11.36 -12.89
CA GLU A 293 -1.08 11.83 -11.92
C GLU A 293 -0.62 11.59 -10.48
N ASP A 294 -0.10 10.39 -10.23
CA ASP A 294 0.44 10.05 -8.91
C ASP A 294 1.54 11.02 -8.48
N VAL A 295 2.50 11.29 -9.37
CA VAL A 295 3.61 12.19 -9.04
C VAL A 295 3.09 13.61 -8.79
N ASN A 296 2.21 14.10 -9.66
CA ASN A 296 1.59 15.41 -9.45
C ASN A 296 0.86 15.48 -8.11
N MET A 297 0.12 14.43 -7.77
CA MET A 297 -0.63 14.38 -6.51
C MET A 297 0.31 14.39 -5.31
N GLN A 298 1.32 13.53 -5.32
CA GLN A 298 2.13 13.30 -4.13
C GLN A 298 3.17 14.39 -3.90
N ILE A 299 3.86 14.83 -4.96
CA ILE A 299 4.91 15.85 -4.83
C ILE A 299 4.37 17.25 -5.08
N MET A 300 3.08 17.37 -5.38
CA MET A 300 2.41 18.63 -5.71
C MET A 300 3.23 19.50 -6.64
N GLY B 1 8.82 -11.39 -6.06
CA GLY B 1 9.16 -10.12 -5.44
C GLY B 1 8.16 -9.69 -4.38
N LEU B 2 8.62 -8.84 -3.47
CA LEU B 2 7.83 -8.40 -2.31
C LEU B 2 6.95 -7.22 -2.67
N VAL B 3 5.74 -7.20 -2.10
CA VAL B 3 4.76 -6.16 -2.39
C VAL B 3 4.45 -5.38 -1.12
N LYS B 4 4.53 -4.06 -1.19
CA LYS B 4 4.07 -3.21 -0.10
C LYS B 4 2.57 -3.42 0.13
N MET B 5 2.19 -3.93 1.30
CA MET B 5 0.79 -4.24 1.59
C MET B 5 0.37 -3.54 2.87
N SER B 6 -0.79 -2.86 2.82
CA SER B 6 -1.35 -2.20 3.98
C SER B 6 -2.60 -2.94 4.47
N HIS B 7 -2.95 -2.72 5.73
CA HIS B 7 -4.20 -3.28 6.23
C HIS B 7 -5.40 -2.60 5.58
N PRO B 8 -6.52 -3.30 5.44
CA PRO B 8 -7.78 -2.62 5.11
C PRO B 8 -8.03 -1.48 6.09
N SER B 9 -8.46 -0.33 5.59
CA SER B 9 -8.58 0.85 6.43
C SER B 9 -9.99 1.12 6.96
N GLY B 10 -11.00 0.33 6.57
CA GLY B 10 -12.38 0.68 6.89
C GLY B 10 -12.61 0.95 8.36
N ASP B 11 -12.16 0.02 9.23
CA ASP B 11 -12.26 0.15 10.68
C ASP B 11 -11.80 1.51 11.20
N VAL B 12 -10.67 1.99 10.68
CA VAL B 12 -10.08 3.23 11.18
C VAL B 12 -10.78 4.41 10.56
N GLU B 13 -11.18 4.30 9.29
CA GLU B 13 -11.94 5.35 8.63
C GLU B 13 -13.12 5.78 9.49
N ALA B 14 -13.81 4.81 10.09
CA ALA B 14 -15.00 5.12 10.88
C ALA B 14 -14.69 5.84 12.18
N CYS B 15 -13.40 6.01 12.52
CA CYS B 15 -13.02 6.69 13.75
C CYS B 15 -12.47 8.09 13.52
N MET B 16 -12.27 8.49 12.26
CA MET B 16 -11.62 9.77 11.99
C MET B 16 -12.61 10.92 12.16
N VAL B 17 -12.15 12.01 12.79
CA VAL B 17 -12.93 13.23 12.97
C VAL B 17 -12.03 14.44 12.70
N GLN B 18 -12.65 15.60 12.52
CA GLN B 18 -11.93 16.87 12.43
C GLN B 18 -12.04 17.60 13.76
N VAL B 19 -10.93 18.14 14.25
CA VAL B 19 -10.90 18.91 15.49
C VAL B 19 -10.47 20.33 15.18
N THR B 20 -11.23 21.30 15.66
CA THR B 20 -10.86 22.69 15.44
C THR B 20 -10.79 23.43 16.77
N CYS B 21 -9.76 24.25 16.93
CA CYS B 21 -9.56 25.08 18.12
C CYS B 21 -9.08 26.44 17.65
N GLY B 22 -9.88 27.47 17.92
CA GLY B 22 -9.56 28.78 17.38
C GLY B 22 -9.51 28.70 15.86
N SER B 23 -8.41 29.16 15.29
CA SER B 23 -8.23 29.13 13.84
C SER B 23 -7.45 27.90 13.37
N MET B 24 -7.12 26.98 14.25
CA MET B 24 -6.38 25.78 13.90
C MET B 24 -7.34 24.60 13.71
N THR B 25 -7.03 23.73 12.75
CA THR B 25 -7.81 22.52 12.54
C THR B 25 -6.90 21.39 12.09
N LEU B 26 -7.25 20.17 12.50
CA LEU B 26 -6.51 18.98 12.10
C LEU B 26 -7.40 17.77 12.36
N ASN B 27 -6.79 16.58 12.28
CA ASN B 27 -7.50 15.32 12.42
C ASN B 27 -7.41 14.80 13.86
N GLY B 28 -8.50 14.14 14.28
CA GLY B 28 -8.52 13.43 15.54
C GLY B 28 -9.05 12.02 15.37
N LEU B 29 -8.85 11.20 16.40
CA LEU B 29 -9.23 9.80 16.40
C LEU B 29 -10.24 9.57 17.53
N TRP B 30 -11.45 9.13 17.17
CA TRP B 30 -12.58 9.01 18.10
C TRP B 30 -12.76 7.55 18.50
N LEU B 31 -12.45 7.23 19.75
CA LEU B 31 -12.64 5.88 20.31
C LEU B 31 -13.48 5.98 21.57
N ASP B 32 -14.55 5.18 21.64
CA ASP B 32 -15.49 5.27 22.75
C ASP B 32 -15.92 6.71 22.93
N ASN B 33 -15.69 7.30 24.12
CA ASN B 33 -16.08 8.67 24.41
C ASN B 33 -14.92 9.66 24.37
N THR B 34 -13.83 9.32 23.68
CA THR B 34 -12.62 10.11 23.69
C THR B 34 -12.21 10.44 22.26
N VAL B 35 -11.72 11.66 22.05
CA VAL B 35 -11.08 12.04 20.80
C VAL B 35 -9.63 12.42 21.10
N TRP B 36 -8.71 11.69 20.49
CA TRP B 36 -7.28 11.99 20.58
C TRP B 36 -6.90 12.90 19.41
N CYS B 37 -6.06 13.90 19.68
CA CYS B 37 -5.53 14.73 18.61
C CYS B 37 -4.24 15.41 19.10
N PRO B 38 -3.44 15.95 18.19
CA PRO B 38 -2.20 16.62 18.62
C PRO B 38 -2.48 17.94 19.32
N ARG B 39 -1.72 18.20 20.40
CA ARG B 39 -1.98 19.40 21.20
C ARG B 39 -1.63 20.68 20.46
N HIS B 40 -0.92 20.59 19.33
CA HIS B 40 -0.58 21.77 18.55
C HIS B 40 -1.81 22.57 18.12
N VAL B 41 -2.99 21.93 18.06
CA VAL B 41 -4.19 22.65 17.64
C VAL B 41 -4.57 23.77 18.60
N MET B 42 -4.09 23.71 19.86
CA MET B 42 -4.35 24.75 20.85
C MET B 42 -3.52 26.01 20.61
N CYS B 43 -2.52 25.95 19.76
CA CYS B 43 -1.55 27.03 19.67
C CYS B 43 -2.12 28.19 18.87
N PRO B 44 -2.03 29.44 19.37
CA PRO B 44 -2.44 30.61 18.60
C PRO B 44 -1.68 30.79 17.28
N LEU B 48 3.36 30.00 17.88
CA LEU B 48 3.61 28.72 17.18
C LEU B 48 5.07 28.26 17.32
N SER B 49 5.97 29.21 17.55
CA SER B 49 7.39 28.89 17.58
C SER B 49 7.83 28.35 18.94
N ASP B 50 7.18 28.75 20.04
CA ASP B 50 7.52 28.25 21.38
C ASP B 50 6.29 28.32 22.27
N PRO B 51 5.33 27.42 22.07
CA PRO B 51 4.12 27.45 22.90
C PRO B 51 4.36 26.92 24.30
N ASN B 52 3.62 27.49 25.26
CA ASN B 52 3.54 26.93 26.62
C ASN B 52 2.24 26.13 26.68
N TYR B 53 2.33 24.83 26.41
CA TYR B 53 1.12 24.02 26.32
C TYR B 53 0.43 23.88 27.67
N ASP B 54 1.19 23.96 28.77
CA ASP B 54 0.57 23.86 30.09
C ASP B 54 -0.31 25.07 30.36
N ALA B 55 0.17 26.26 30.00
CA ALA B 55 -0.66 27.45 30.13
C ALA B 55 -1.81 27.42 29.14
N LEU B 56 -1.54 27.00 27.90
CA LEU B 56 -2.59 26.91 26.90
C LEU B 56 -3.73 26.02 27.37
N LEU B 57 -3.40 24.87 27.99
CA LEU B 57 -4.43 23.98 28.51
C LEU B 57 -5.31 24.70 29.53
N ILE B 58 -4.68 25.40 30.48
CA ILE B 58 -5.41 26.15 31.50
C ILE B 58 -6.38 27.14 30.85
N SER B 59 -5.95 27.81 29.79
CA SER B 59 -6.78 28.82 29.15
C SER B 59 -7.96 28.24 28.39
N MET B 60 -8.03 26.92 28.18
CA MET B 60 -9.13 26.35 27.43
C MET B 60 -10.42 26.43 28.25
N THR B 61 -11.52 26.73 27.59
CA THR B 61 -12.82 26.86 28.25
C THR B 61 -13.79 25.81 27.70
N ASN B 62 -15.06 25.92 28.11
CA ASN B 62 -16.03 24.86 27.85
C ASN B 62 -16.20 24.57 26.36
N HIS B 63 -16.07 25.58 25.51
CA HIS B 63 -16.32 25.44 24.07
C HIS B 63 -15.11 25.87 23.26
N SER B 64 -13.91 25.56 23.75
CA SER B 64 -12.71 25.88 22.99
C SER B 64 -12.54 24.93 21.81
N PHE B 65 -13.00 23.70 21.94
CA PHE B 65 -12.84 22.70 20.88
C PHE B 65 -14.16 22.39 20.20
N SER B 66 -14.10 22.21 18.88
CA SER B 66 -15.23 21.77 18.07
C SER B 66 -14.80 20.52 17.30
N VAL B 67 -15.60 19.47 17.35
CA VAL B 67 -15.28 18.20 16.71
C VAL B 67 -16.38 17.88 15.72
N GLN B 68 -16.00 17.56 14.49
CA GLN B 68 -16.96 17.22 13.44
C GLN B 68 -16.61 15.85 12.85
N LYS B 69 -17.62 15.02 12.67
CA LYS B 69 -17.48 13.76 11.94
C LYS B 69 -18.02 13.96 10.54
N HIS B 70 -17.19 13.65 9.54
CA HIS B 70 -17.59 13.73 8.14
C HIS B 70 -17.79 12.30 7.61
N LEU B 77 -20.53 16.43 17.54
CA LEU B 77 -19.89 15.90 18.75
C LEU B 77 -19.54 17.00 19.74
N ARG B 78 -20.15 16.98 20.92
CA ARG B 78 -19.90 18.00 21.91
C ARG B 78 -18.78 17.56 22.85
N VAL B 79 -17.84 18.47 23.11
CA VAL B 79 -16.70 18.22 23.98
C VAL B 79 -17.09 18.57 25.41
N VAL B 80 -16.93 17.61 26.32
CA VAL B 80 -17.34 17.75 27.71
C VAL B 80 -16.14 17.82 28.66
N GLY B 81 -14.93 17.54 28.20
CA GLY B 81 -13.77 17.64 29.05
C GLY B 81 -12.51 17.65 28.21
N HIS B 82 -11.43 18.19 28.76
CA HIS B 82 -10.18 18.17 28.03
C HIS B 82 -9.01 17.86 28.96
N ALA B 83 -8.07 17.08 28.44
CA ALA B 83 -6.85 16.74 29.17
C ALA B 83 -5.70 16.64 28.17
N MET B 84 -4.49 16.65 28.70
CA MET B 84 -3.27 16.54 27.91
C MET B 84 -2.47 15.34 28.39
N GLN B 85 -1.94 14.56 27.44
CA GLN B 85 -1.13 13.38 27.71
C GLN B 85 0.09 13.50 26.79
N GLY B 86 1.18 14.05 27.31
CA GLY B 86 2.36 14.27 26.48
C GLY B 86 2.02 15.26 25.38
N THR B 87 2.31 14.89 24.14
CA THR B 87 2.05 15.76 22.99
C THR B 87 0.65 15.59 22.41
N LEU B 88 -0.23 14.85 23.07
CA LEU B 88 -1.59 14.62 22.60
C LEU B 88 -2.59 15.24 23.57
N LEU B 89 -3.75 15.63 23.02
CA LEU B 89 -4.93 15.96 23.81
C LEU B 89 -5.88 14.78 23.84
N LYS B 90 -6.49 14.57 25.01
CA LYS B 90 -7.51 13.57 25.22
C LYS B 90 -8.78 14.36 25.47
N LEU B 91 -9.68 14.40 24.47
CA LEU B 91 -10.91 15.16 24.55
C LEU B 91 -12.07 14.23 24.86
N THR B 92 -12.81 14.52 25.92
CA THR B 92 -13.99 13.72 26.25
C THR B 92 -15.20 14.29 25.51
N VAL B 93 -15.93 13.41 24.83
CA VAL B 93 -17.12 13.83 24.10
C VAL B 93 -18.32 13.11 24.70
N ASP B 94 -19.51 13.65 24.45
CA ASP B 94 -20.69 13.13 25.13
C ASP B 94 -21.35 11.95 24.41
N VAL B 95 -20.84 11.55 23.24
CA VAL B 95 -21.38 10.43 22.47
C VAL B 95 -20.26 9.44 22.22
N ALA B 96 -20.52 8.17 22.51
CA ALA B 96 -19.52 7.13 22.26
C ALA B 96 -19.57 6.69 20.79
N ASN B 97 -18.39 6.54 20.18
CA ASN B 97 -18.30 6.01 18.81
C ASN B 97 -18.94 4.64 18.75
N PRO B 98 -20.08 4.48 18.04
CA PRO B 98 -20.75 3.18 18.03
C PRO B 98 -20.02 2.12 17.24
N SER B 99 -18.95 2.50 16.55
CA SER B 99 -18.11 1.63 15.75
C SER B 99 -16.67 1.64 16.26
N THR B 100 -16.50 1.64 17.58
CA THR B 100 -15.17 1.57 18.16
C THR B 100 -14.62 0.15 18.00
N PRO B 101 -13.55 -0.06 17.25
CA PRO B 101 -12.96 -1.40 17.17
C PRO B 101 -12.29 -1.75 18.49
N ALA B 102 -12.02 -3.04 18.64
CA ALA B 102 -11.16 -3.48 19.73
C ALA B 102 -9.75 -2.98 19.48
N TYR B 103 -9.12 -2.37 20.48
CA TYR B 103 -7.85 -1.70 20.19
C TYR B 103 -6.88 -1.79 21.37
N THR B 104 -5.61 -1.57 21.05
CA THR B 104 -4.53 -1.36 22.01
C THR B 104 -3.72 -0.15 21.58
N PHE B 105 -2.84 0.33 22.48
CA PHE B 105 -1.94 1.48 22.26
C PHE B 105 -0.51 1.02 22.54
N THR B 106 0.17 0.45 21.56
CA THR B 106 1.55 0.00 21.77
C THR B 106 2.51 0.79 20.87
N THR B 107 3.66 1.13 21.44
CA THR B 107 4.69 1.88 20.73
C THR B 107 5.43 0.94 19.79
N VAL B 108 5.62 1.35 18.52
CA VAL B 108 6.33 0.50 17.58
C VAL B 108 7.83 0.76 17.70
N LYS B 109 8.62 -0.24 17.30
CA LYS B 109 10.07 -0.18 17.34
C LYS B 109 10.64 0.03 15.95
N PRO B 110 11.85 0.58 15.83
CA PRO B 110 12.45 0.78 14.51
C PRO B 110 12.51 -0.52 13.72
N GLY B 111 12.21 -0.41 12.42
CA GLY B 111 12.18 -1.55 11.54
C GLY B 111 10.82 -2.22 11.43
N ALA B 112 9.92 -1.97 12.39
CA ALA B 112 8.58 -2.54 12.32
C ALA B 112 7.72 -1.77 11.32
N ALA B 113 6.86 -2.49 10.61
CA ALA B 113 5.97 -1.89 9.62
C ALA B 113 4.61 -1.56 10.24
N PHE B 114 3.97 -0.50 9.73
CA PHE B 114 2.57 -0.28 10.07
C PHE B 114 1.87 0.44 8.92
N SER B 115 0.54 0.44 8.97
CA SER B 115 -0.29 1.07 7.97
C SER B 115 -0.68 2.48 8.42
N VAL B 116 -0.73 3.40 7.47
CA VAL B 116 -1.07 4.79 7.73
C VAL B 116 -2.32 5.13 6.93
N LEU B 117 -3.30 5.72 7.60
CA LEU B 117 -4.45 6.33 6.95
C LEU B 117 -4.23 7.86 6.88
N ALA B 118 -3.93 8.37 5.69
CA ALA B 118 -3.72 9.79 5.54
C ALA B 118 -5.07 10.49 5.37
N CYS B 119 -5.29 11.54 6.16
CA CYS B 119 -6.56 12.27 6.19
C CYS B 119 -6.30 13.76 6.08
N TYR B 120 -7.32 14.47 5.60
CA TYR B 120 -7.26 15.92 5.51
C TYR B 120 -8.59 16.50 6.00
N ASN B 121 -8.51 17.35 7.01
CA ASN B 121 -9.69 17.94 7.64
C ASN B 121 -10.71 16.88 8.04
N GLY B 122 -10.21 15.76 8.56
CA GLY B 122 -11.10 14.69 8.97
C GLY B 122 -11.61 13.78 7.88
N ARG B 123 -11.17 13.94 6.63
CA ARG B 123 -11.61 13.01 5.59
C ARG B 123 -10.46 12.13 5.13
N PRO B 124 -10.59 10.80 5.23
CA PRO B 124 -9.53 9.91 4.72
C PRO B 124 -9.31 10.07 3.22
N THR B 125 -8.04 10.17 2.82
CA THR B 125 -7.71 10.33 1.40
C THR B 125 -6.80 9.28 0.82
N GLY B 126 -6.01 8.57 1.63
CA GLY B 126 -5.14 7.55 1.10
C GLY B 126 -4.56 6.69 2.20
N THR B 127 -4.00 5.56 1.80
CA THR B 127 -3.39 4.63 2.75
C THR B 127 -2.12 4.07 2.13
N PHE B 128 -1.18 3.75 2.99
CA PHE B 128 0.13 3.27 2.60
C PHE B 128 0.79 2.67 3.83
N THR B 129 1.91 1.98 3.61
CA THR B 129 2.62 1.35 4.72
C THR B 129 4.06 1.88 4.77
N VAL B 130 4.55 2.09 6.00
CA VAL B 130 5.91 2.56 6.23
C VAL B 130 6.53 1.68 7.31
N VAL B 131 7.85 1.71 7.39
CA VAL B 131 8.58 1.15 8.53
C VAL B 131 9.14 2.32 9.35
N MET B 132 9.04 2.21 10.67
CA MET B 132 9.68 3.19 11.55
C MET B 132 11.19 3.15 11.33
N ARG B 133 11.78 4.31 11.00
CA ARG B 133 13.22 4.32 10.74
C ARG B 133 14.01 4.26 12.05
N PRO B 134 15.24 3.75 12.02
CA PRO B 134 16.10 3.81 13.23
C PRO B 134 16.26 5.20 13.82
N ASN B 135 16.14 6.27 13.04
CA ASN B 135 16.19 7.63 13.58
C ASN B 135 14.80 8.17 13.94
N TYR B 136 13.82 7.28 14.12
CA TYR B 136 12.49 7.63 14.62
C TYR B 136 11.78 8.66 13.74
N THR B 137 12.02 8.57 12.42
CA THR B 137 11.21 9.24 11.40
C THR B 137 10.53 8.18 10.54
N ILE B 138 9.60 8.62 9.71
CA ILE B 138 9.04 7.74 8.69
C ILE B 138 9.07 8.46 7.35
N LYS B 139 9.13 7.65 6.29
CA LYS B 139 9.22 8.14 4.91
C LYS B 139 7.82 8.01 4.32
N GLY B 140 6.95 8.93 4.73
CA GLY B 140 5.56 8.88 4.35
C GLY B 140 5.30 9.76 3.15
N SER B 141 4.02 9.84 2.79
CA SER B 141 3.55 10.80 1.80
C SER B 141 2.45 11.59 2.49
N PHE B 142 2.78 12.78 2.99
CA PHE B 142 1.82 13.62 3.71
C PHE B 142 1.88 15.04 3.19
N LEU B 143 0.71 15.65 3.03
CA LEU B 143 0.59 17.05 2.64
C LEU B 143 0.13 17.88 3.85
N CYS B 144 0.09 19.20 3.66
CA CYS B 144 -0.45 20.07 4.71
C CYS B 144 -1.89 19.68 4.99
N GLY B 145 -2.27 19.68 6.27
CA GLY B 145 -3.61 19.25 6.67
C GLY B 145 -3.70 17.81 7.13
N SER B 146 -2.58 17.09 7.15
CA SER B 146 -2.52 15.70 7.57
C SER B 146 -2.20 15.51 9.05
N ALA B 147 -1.80 16.57 9.78
CA ALA B 147 -1.57 16.45 11.22
C ALA B 147 -2.72 15.71 11.87
N GLY B 148 -2.40 14.69 12.65
CA GLY B 148 -3.40 13.87 13.30
C GLY B 148 -3.78 12.61 12.55
N SER B 149 -3.31 12.41 11.31
CA SER B 149 -3.45 11.13 10.64
C SER B 149 -2.84 10.03 11.50
N VAL B 150 -3.33 8.80 11.29
CA VAL B 150 -3.14 7.72 12.25
C VAL B 150 -2.46 6.52 11.59
N GLY B 151 -1.52 5.91 12.31
CA GLY B 151 -0.92 4.67 11.90
C GLY B 151 -1.24 3.54 12.87
N TYR B 152 -1.26 2.31 12.36
CA TYR B 152 -1.80 1.18 13.11
C TYR B 152 -1.34 -0.12 12.48
N THR B 153 -1.33 -1.18 13.29
CA THR B 153 -1.26 -2.56 12.84
C THR B 153 -2.52 -3.27 13.32
N LYS B 154 -2.73 -4.46 12.80
CA LYS B 154 -3.88 -5.28 13.16
C LYS B 154 -3.37 -6.68 13.47
N GLU B 155 -3.88 -7.27 14.55
CA GLU B 155 -3.59 -8.65 14.92
C GLU B 155 -4.93 -9.30 15.26
N GLY B 156 -5.36 -10.24 14.43
CA GLY B 156 -6.74 -10.68 14.52
C GLY B 156 -7.62 -9.52 14.11
N SER B 157 -8.62 -9.22 14.94
CA SER B 157 -9.45 -8.03 14.72
C SER B 157 -9.15 -6.94 15.76
N VAL B 158 -8.03 -7.06 16.48
CA VAL B 158 -7.57 -6.01 17.38
C VAL B 158 -6.70 -5.03 16.60
N ILE B 159 -7.05 -3.75 16.65
CA ILE B 159 -6.22 -2.69 16.06
C ILE B 159 -5.21 -2.21 17.09
N ASN B 160 -3.92 -2.19 16.75
CA ASN B 160 -2.94 -1.50 17.59
C ASN B 160 -2.64 -0.15 16.97
N PHE B 161 -3.12 0.92 17.61
CA PHE B 161 -2.81 2.28 17.19
C PHE B 161 -1.44 2.66 17.70
N CYS B 162 -0.53 3.01 16.78
CA CYS B 162 0.86 3.20 17.16
C CYS B 162 1.44 4.53 16.72
N TYR B 163 0.71 5.34 15.95
CA TYR B 163 1.25 6.56 15.39
C TYR B 163 0.14 7.57 15.18
N MET B 164 0.33 8.78 15.68
CA MET B 164 -0.47 9.93 15.29
C MET B 164 0.47 10.98 14.69
N HIS B 165 0.24 11.31 13.42
CA HIS B 165 1.16 12.17 12.68
C HIS B 165 1.20 13.57 13.30
N GLN B 166 2.41 14.14 13.37
CA GLN B 166 2.58 15.50 13.87
C GLN B 166 3.19 16.44 12.83
N MET B 167 4.42 16.16 12.34
CA MET B 167 5.19 17.18 11.63
C MET B 167 5.97 16.61 10.46
N GLU B 168 6.21 17.47 9.46
CA GLU B 168 7.22 17.23 8.44
C GLU B 168 8.50 17.97 8.82
N LEU B 169 9.62 17.25 8.84
CA LEU B 169 10.93 17.84 9.12
C LEU B 169 11.46 18.57 7.89
N ALA B 170 12.64 19.18 8.02
CA ALA B 170 13.26 19.92 6.91
C ALA B 170 13.60 18.99 5.74
N ASN B 171 13.87 17.71 6.01
CA ASN B 171 13.87 16.70 4.96
C ASN B 171 12.48 16.53 4.40
N GLY B 172 12.28 15.51 3.60
CA GLY B 172 10.91 15.14 3.37
C GLY B 172 10.34 14.24 4.44
N THR B 173 11.00 14.08 5.57
CA THR B 173 10.65 13.02 6.51
C THR B 173 9.68 13.53 7.58
N HIS B 174 9.05 12.57 8.25
CA HIS B 174 7.85 12.84 9.05
C HIS B 174 8.02 12.23 10.44
N THR B 175 7.40 12.86 11.43
CA THR B 175 7.39 12.25 12.75
C THR B 175 6.04 12.49 13.42
N GLY B 176 5.83 11.80 14.52
CA GLY B 176 4.59 11.93 15.25
C GLY B 176 4.71 11.24 16.58
N SER B 177 3.55 10.98 17.22
CA SER B 177 3.48 10.51 18.59
C SER B 177 2.96 9.08 18.65
N ALA B 178 3.39 8.37 19.68
CA ALA B 178 2.66 7.22 20.16
C ALA B 178 1.46 7.69 20.99
N PHE B 179 0.49 6.81 21.15
CA PHE B 179 -0.71 7.24 21.87
C PHE B 179 -0.53 7.27 23.39
N ASP B 180 0.65 6.93 23.89
CA ASP B 180 0.96 7.32 25.26
C ASP B 180 1.39 8.78 25.36
N GLY B 181 1.43 9.50 24.24
CA GLY B 181 1.77 10.90 24.23
C GLY B 181 3.19 11.22 23.84
N THR B 182 4.10 10.25 23.86
CA THR B 182 5.50 10.55 23.58
C THR B 182 5.75 10.65 22.08
N MET B 183 6.47 11.70 21.69
CA MET B 183 6.92 11.85 20.31
C MET B 183 8.02 10.84 20.01
N TYR B 184 7.87 10.10 18.92
CA TYR B 184 8.96 9.26 18.44
C TYR B 184 10.19 10.10 18.19
N GLY B 185 11.33 9.70 18.75
CA GLY B 185 12.55 10.45 18.56
C GLY B 185 12.66 11.74 19.34
N ALA B 186 11.73 12.00 20.28
CA ALA B 186 11.75 13.18 21.14
C ALA B 186 11.73 14.49 20.37
N PHE B 187 11.25 14.51 19.13
CA PHE B 187 11.15 15.79 18.45
C PHE B 187 10.15 16.67 19.20
N MET B 188 10.36 17.99 19.12
CA MET B 188 9.52 18.95 19.81
C MET B 188 8.40 19.41 18.89
N ASP B 189 7.18 19.46 19.44
CA ASP B 189 6.01 19.80 18.64
C ASP B 189 5.80 21.33 18.68
N LYS B 190 6.70 21.99 17.96
CA LYS B 190 6.75 23.44 17.78
C LYS B 190 7.34 23.68 16.39
N GLN B 191 7.16 24.88 15.85
CA GLN B 191 7.78 25.13 14.56
C GLN B 191 9.13 25.80 14.82
N VAL B 192 10.13 24.94 14.98
CA VAL B 192 11.53 25.32 15.06
C VAL B 192 12.29 24.32 14.20
N HIS B 193 13.34 24.79 13.54
CA HIS B 193 14.18 23.89 12.76
C HIS B 193 14.71 22.78 13.65
N GLN B 194 14.52 21.53 13.20
CA GLN B 194 15.01 20.35 13.91
C GLN B 194 15.62 19.41 12.89
N VAL B 195 16.69 18.73 13.28
CA VAL B 195 17.40 17.81 12.40
C VAL B 195 17.39 16.42 13.04
N GLN B 196 17.04 15.43 12.23
CA GLN B 196 17.01 14.05 12.69
C GLN B 196 18.43 13.51 12.84
N LEU B 197 18.57 12.48 13.68
CA LEU B 197 19.81 11.74 13.74
C LEU B 197 20.05 11.01 12.41
N THR B 198 21.30 10.65 12.15
CA THR B 198 21.62 9.94 10.92
C THR B 198 20.91 8.58 10.92
N ASP B 199 20.36 8.21 9.77
CA ASP B 199 19.62 6.95 9.67
C ASP B 199 20.57 5.76 9.61
N LYS B 200 20.01 4.56 9.77
CA LYS B 200 20.77 3.31 9.67
C LYS B 200 19.95 2.29 8.90
N TYR B 201 20.61 1.21 8.48
CA TYR B 201 19.90 0.07 7.93
C TYR B 201 19.29 -0.75 9.05
N CYS B 202 18.06 -1.19 8.85
CA CYS B 202 17.40 -2.11 9.80
C CYS B 202 17.90 -3.52 9.54
N SER B 203 18.81 -3.98 10.41
CA SER B 203 19.52 -5.24 10.20
C SER B 203 18.57 -6.42 10.03
N VAL B 204 17.58 -6.55 10.91
CA VAL B 204 16.70 -7.71 10.86
C VAL B 204 15.90 -7.73 9.57
N ASN B 205 15.60 -6.55 9.01
CA ASN B 205 14.89 -6.48 7.75
C ASN B 205 15.81 -6.82 6.57
N VAL B 206 17.07 -6.38 6.59
CA VAL B 206 18.01 -6.81 5.56
C VAL B 206 18.14 -8.33 5.58
N VAL B 207 18.18 -8.93 6.78
CA VAL B 207 18.21 -10.38 6.90
C VAL B 207 16.97 -11.01 6.26
N ALA B 208 15.79 -10.43 6.51
CA ALA B 208 14.57 -10.97 5.92
C ALA B 208 14.64 -10.95 4.40
N TRP B 209 15.16 -9.86 3.84
CA TRP B 209 15.26 -9.69 2.40
C TRP B 209 16.23 -10.71 1.78
N LEU B 210 17.37 -10.94 2.43
CA LEU B 210 18.27 -12.00 2.00
C LEU B 210 17.55 -13.36 2.03
N TYR B 211 16.77 -13.62 3.07
CA TYR B 211 16.00 -14.86 3.08
C TYR B 211 15.01 -14.91 1.93
N ALA B 212 14.38 -13.79 1.60
CA ALA B 212 13.50 -13.75 0.43
C ALA B 212 14.27 -14.07 -0.83
N ALA B 213 15.48 -13.53 -0.96
CA ALA B 213 16.31 -13.86 -2.12
C ALA B 213 16.56 -15.35 -2.20
N ILE B 214 16.94 -15.97 -1.09
CA ILE B 214 17.21 -17.40 -1.07
C ILE B 214 15.96 -18.19 -1.44
N LEU B 215 14.79 -17.70 -1.02
CA LEU B 215 13.55 -18.41 -1.37
C LEU B 215 13.27 -18.35 -2.87
N ASN B 216 13.76 -17.32 -3.55
CA ASN B 216 13.55 -17.14 -4.98
C ASN B 216 14.72 -17.60 -5.82
N GLY B 217 15.67 -18.36 -5.26
CA GLY B 217 16.75 -18.91 -6.03
C GLY B 217 18.00 -18.07 -6.09
N CYS B 218 18.02 -16.90 -5.45
CA CYS B 218 19.17 -16.02 -5.47
C CYS B 218 19.95 -16.21 -4.16
N ALA B 219 21.06 -16.94 -4.22
CA ALA B 219 21.74 -17.34 -3.00
C ALA B 219 23.26 -17.34 -3.10
N TRP B 220 23.84 -16.66 -4.09
CA TRP B 220 25.28 -16.70 -4.29
C TRP B 220 26.06 -16.15 -3.09
N PHE B 221 25.43 -15.32 -2.27
CA PHE B 221 26.08 -14.68 -1.12
C PHE B 221 26.11 -15.56 0.13
N VAL B 222 25.48 -16.74 0.09
CA VAL B 222 25.50 -17.65 1.23
C VAL B 222 26.83 -18.39 1.24
N LYS B 223 27.60 -18.23 2.32
CA LYS B 223 28.85 -18.94 2.52
C LYS B 223 28.72 -19.77 3.80
N PRO B 224 29.61 -20.73 4.05
CA PRO B 224 29.56 -21.44 5.33
C PRO B 224 30.00 -20.57 6.51
N ASN B 225 30.74 -19.50 6.25
CA ASN B 225 31.20 -18.62 7.32
C ASN B 225 30.01 -18.05 8.10
N ARG B 226 30.21 -17.91 9.41
CA ARG B 226 29.21 -17.38 10.32
C ARG B 226 29.78 -16.21 11.11
N THR B 227 28.91 -15.24 11.43
CA THR B 227 29.20 -14.16 12.37
C THR B 227 28.15 -14.21 13.47
N SER B 228 28.60 -14.26 14.72
CA SER B 228 27.64 -14.38 15.81
C SER B 228 26.84 -13.09 15.96
N VAL B 229 25.66 -13.21 16.58
CA VAL B 229 24.82 -12.04 16.81
C VAL B 229 25.62 -10.99 17.59
N VAL B 230 26.23 -11.41 18.71
CA VAL B 230 26.98 -10.49 19.56
C VAL B 230 28.10 -9.81 18.79
N SER B 231 28.76 -10.56 17.91
CA SER B 231 29.86 -9.96 17.16
C SER B 231 29.36 -9.05 16.04
N PHE B 232 28.29 -9.46 15.34
CA PHE B 232 27.68 -8.58 14.35
C PHE B 232 27.25 -7.27 14.97
N ASN B 233 26.70 -7.33 16.18
CA ASN B 233 26.13 -6.13 16.79
C ASN B 233 27.22 -5.13 17.15
N GLU B 234 28.41 -5.60 17.53
CA GLU B 234 29.50 -4.65 17.76
C GLU B 234 29.96 -4.02 16.44
N TRP B 235 30.04 -4.83 15.38
CA TRP B 235 30.38 -4.29 14.07
C TRP B 235 29.33 -3.27 13.62
N ALA B 236 28.05 -3.61 13.84
CA ALA B 236 26.96 -2.75 13.39
C ALA B 236 27.04 -1.35 13.98
N LEU B 237 27.46 -1.23 15.25
CA LEU B 237 27.55 0.08 15.89
C LEU B 237 28.45 1.03 15.11
N ALA B 238 29.42 0.49 14.37
CA ALA B 238 30.40 1.29 13.67
C ALA B 238 30.11 1.43 12.18
N ASN B 239 29.08 0.75 11.67
CA ASN B 239 28.82 0.70 10.24
C ASN B 239 27.37 1.04 9.90
N GLN B 240 26.67 1.75 10.78
CA GLN B 240 25.34 2.30 10.51
C GLN B 240 24.32 1.20 10.18
N PHE B 241 24.40 0.09 10.93
CA PHE B 241 23.33 -0.89 11.01
C PHE B 241 22.76 -0.88 12.42
N THR B 242 21.49 -1.26 12.54
CA THR B 242 20.89 -1.46 13.84
C THR B 242 21.41 -2.75 14.46
N GLU B 243 21.22 -2.86 15.79
CA GLU B 243 21.46 -4.12 16.46
C GLU B 243 20.49 -5.18 15.96
N PHE B 244 21.00 -6.38 15.66
CA PHE B 244 20.15 -7.48 15.27
C PHE B 244 19.51 -8.13 16.50
N VAL B 245 18.20 -8.25 16.48
CA VAL B 245 17.44 -8.98 17.50
C VAL B 245 16.59 -10.03 16.81
N GLY B 246 16.86 -11.32 17.08
CA GLY B 246 16.12 -12.38 16.44
C GLY B 246 14.69 -12.46 16.93
N THR B 247 13.83 -13.07 16.12
CA THR B 247 12.43 -13.29 16.46
C THR B 247 12.02 -14.66 15.92
N GLN B 248 10.88 -15.16 16.40
CA GLN B 248 10.38 -16.44 15.91
C GLN B 248 10.03 -16.36 14.43
N SER B 249 9.58 -15.19 13.96
CA SER B 249 9.36 -14.99 12.53
C SER B 249 10.64 -15.16 11.72
N VAL B 250 11.78 -14.64 12.22
CA VAL B 250 13.04 -14.91 11.53
C VAL B 250 13.38 -16.40 11.57
N ASP B 251 13.12 -17.04 12.71
CA ASP B 251 13.45 -18.46 12.86
C ASP B 251 12.76 -19.29 11.78
N MET B 252 11.53 -18.92 11.45
CA MET B 252 10.76 -19.62 10.41
C MET B 252 11.45 -19.53 9.06
N LEU B 253 12.05 -18.38 8.75
CA LEU B 253 12.78 -18.24 7.50
C LEU B 253 14.04 -19.11 7.50
N ALA B 254 14.74 -19.20 8.64
CA ALA B 254 15.91 -20.06 8.73
C ALA B 254 15.55 -21.53 8.54
N VAL B 255 14.43 -21.95 9.12
CA VAL B 255 13.98 -23.33 8.99
C VAL B 255 13.65 -23.67 7.55
N LYS B 256 12.87 -22.81 6.87
CA LYS B 256 12.45 -23.22 5.54
C LYS B 256 13.51 -23.00 4.47
N THR B 257 14.60 -22.27 4.77
CA THR B 257 15.73 -22.17 3.85
C THR B 257 16.91 -23.05 4.24
N GLY B 258 16.95 -23.54 5.48
CA GLY B 258 18.11 -24.24 5.95
C GLY B 258 19.34 -23.38 6.14
N VAL B 259 19.21 -22.06 6.02
CA VAL B 259 20.34 -21.13 6.13
C VAL B 259 20.22 -20.40 7.46
N ALA B 260 21.30 -20.40 8.24
CA ALA B 260 21.24 -19.85 9.58
C ALA B 260 21.42 -18.34 9.56
N ILE B 261 20.81 -17.68 10.55
CA ILE B 261 20.94 -16.23 10.73
C ILE B 261 22.40 -15.80 10.62
N GLU B 262 23.28 -16.52 11.32
CA GLU B 262 24.67 -16.10 11.43
C GLU B 262 25.40 -16.11 10.08
N GLN B 263 24.99 -17.01 9.16
CA GLN B 263 25.51 -16.97 7.80
C GLN B 263 25.12 -15.68 7.09
N LEU B 264 23.88 -15.19 7.33
CA LEU B 264 23.44 -13.95 6.70
C LEU B 264 24.07 -12.73 7.36
N LEU B 265 24.29 -12.77 8.67
CA LEU B 265 25.04 -11.68 9.31
C LEU B 265 26.43 -11.55 8.71
N TYR B 266 27.10 -12.69 8.46
CA TYR B 266 28.38 -12.65 7.76
C TYR B 266 28.22 -12.06 6.35
N ALA B 267 27.16 -12.47 5.62
CA ALA B 267 26.97 -12.01 4.26
C ALA B 267 26.75 -10.50 4.20
N ILE B 268 25.97 -9.96 5.16
CA ILE B 268 25.76 -8.52 5.22
C ILE B 268 27.08 -7.79 5.34
N GLN B 269 27.97 -8.31 6.19
CA GLN B 269 29.29 -7.69 6.36
C GLN B 269 30.03 -7.62 5.03
N GLN B 270 29.97 -8.69 4.23
CA GLN B 270 30.62 -8.63 2.93
C GLN B 270 29.84 -7.73 1.96
N LEU B 271 28.50 -7.83 1.97
CA LEU B 271 27.70 -7.08 0.98
C LEU B 271 27.76 -5.58 1.21
N TYR B 272 27.92 -5.15 2.48
CA TYR B 272 28.05 -3.73 2.77
C TYR B 272 29.24 -3.11 2.02
N THR B 273 30.29 -3.89 1.77
CA THR B 273 31.45 -3.40 1.02
C THR B 273 31.10 -3.20 -0.45
N GLY B 274 30.22 -4.02 -0.99
CA GLY B 274 29.86 -4.00 -2.38
C GLY B 274 29.35 -5.36 -2.80
N PHE B 275 28.59 -5.39 -3.89
CA PHE B 275 28.02 -6.63 -4.37
C PHE B 275 28.95 -7.38 -5.31
N GLN B 276 30.26 -7.08 -5.26
CA GLN B 276 31.20 -7.52 -6.29
C GLN B 276 30.66 -7.06 -7.63
N GLY B 277 30.29 -8.00 -8.50
CA GLY B 277 29.67 -7.63 -9.77
C GLY B 277 28.33 -8.31 -9.98
N LYS B 278 27.66 -8.62 -8.88
CA LYS B 278 26.44 -9.42 -8.90
C LYS B 278 25.24 -8.60 -8.41
N GLN B 279 24.05 -9.11 -8.70
CA GLN B 279 22.81 -8.51 -8.23
C GLN B 279 22.11 -9.45 -7.26
N ILE B 280 21.19 -8.90 -6.47
CA ILE B 280 20.32 -9.66 -5.57
C ILE B 280 18.90 -9.21 -5.84
N LEU B 281 18.05 -10.14 -6.26
CA LEU B 281 16.67 -9.82 -6.65
C LEU B 281 16.63 -8.61 -7.59
N GLY B 282 17.58 -8.57 -8.52
CA GLY B 282 17.67 -7.50 -9.49
C GLY B 282 18.34 -6.24 -8.99
N SER B 283 18.56 -6.09 -7.68
CA SER B 283 19.06 -4.84 -7.11
C SER B 283 20.54 -4.96 -6.71
N THR B 284 21.22 -3.81 -6.74
CA THR B 284 22.59 -3.72 -6.27
C THR B 284 22.71 -2.91 -4.97
N MET B 285 21.59 -2.69 -4.28
CA MET B 285 21.55 -2.04 -2.99
C MET B 285 20.86 -2.94 -1.97
N LEU B 286 21.18 -2.76 -0.70
CA LEU B 286 20.50 -3.53 0.34
C LEU B 286 19.11 -2.96 0.56
N GLU B 287 18.16 -3.84 0.86
CA GLU B 287 16.77 -3.46 1.05
C GLU B 287 16.37 -3.77 2.49
N ASP B 288 15.84 -2.77 3.21
CA ASP B 288 15.44 -2.97 4.60
C ASP B 288 14.01 -2.53 4.89
N GLU B 289 13.16 -2.44 3.87
CA GLU B 289 11.80 -1.95 4.06
C GLU B 289 10.76 -3.08 4.13
N PHE B 290 11.19 -4.35 4.08
CA PHE B 290 10.31 -5.49 4.27
C PHE B 290 10.73 -6.29 5.50
N THR B 291 9.76 -6.72 6.27
CA THR B 291 10.02 -7.36 7.54
C THR B 291 10.04 -8.88 7.40
N PRO B 292 10.58 -9.59 8.39
CA PRO B 292 10.42 -11.06 8.39
C PRO B 292 8.98 -11.49 8.24
N GLU B 293 8.04 -10.76 8.86
CA GLU B 293 6.63 -11.10 8.74
C GLU B 293 6.16 -10.95 7.31
N ASP B 294 6.59 -9.88 6.63
CA ASP B 294 6.26 -9.69 5.22
C ASP B 294 6.69 -10.90 4.40
N VAL B 295 7.96 -11.29 4.55
CA VAL B 295 8.53 -12.37 3.74
C VAL B 295 7.81 -13.69 4.01
N ASN B 296 7.51 -13.97 5.29
CA ASN B 296 6.81 -15.20 5.64
C ASN B 296 5.45 -15.29 4.97
N MET B 297 4.67 -14.21 5.04
CA MET B 297 3.30 -14.31 4.57
C MET B 297 3.19 -14.16 3.05
N GLN B 298 4.21 -13.60 2.39
CA GLN B 298 4.15 -13.36 0.95
C GLN B 298 4.86 -14.41 0.10
N ILE B 299 5.76 -15.19 0.68
CA ILE B 299 6.43 -16.25 -0.09
C ILE B 299 5.96 -17.66 0.30
C11 7YY C . -8.17 -20.53 -7.67
C13 7YY C . -9.93 -22.03 -6.74
C14 7YY C . -9.76 -23.12 -5.86
C15 7YY C . -10.73 -23.39 -4.89
C01 7YY C . -1.85 -18.34 -5.48
N02 7YY C . -2.90 -17.52 -6.07
C03 7YY C . -2.80 -16.23 -6.35
N04 7YY C . -3.97 -15.84 -6.90
C05 7YY C . -4.75 -16.93 -6.94
C06 7YY C . -6.18 -16.93 -7.49
N07 7YY C . -6.88 -18.22 -7.52
C08 7YY C . -7.65 -18.60 -6.52
O09 7YY C . -7.80 -17.80 -5.37
N10 7YY C . -8.30 -19.76 -6.58
N12 7YY C . -8.90 -21.78 -7.72
C16 7YY C . -10.90 -24.39 -3.84
N17 7YY C . -12.03 -24.11 -3.24
C18 7YY C . -12.61 -24.84 -2.13
N19 7YY C . -12.62 -23.06 -3.78
C20 7YY C . -11.85 -22.58 -4.79
C21 7YY C . -12.03 -21.49 -5.68
C22 7YY C . -11.07 -21.20 -6.63
CL2 7YY C . -11.36 -19.82 -7.71
N24 7YY C . -7.40 -20.15 -8.68
C25 7YY C . -7.23 -20.99 -9.85
C26 7YY C . -8.20 -20.64 -10.98
C27 7YY C . -8.14 -21.34 -12.19
F28 7YY C . -7.22 -22.33 -12.38
C29 7YY C . -9.02 -21.02 -13.21
C30 7YY C . -9.95 -20.00 -13.01
F31 7YY C . -10.82 -19.69 -14.00
C32 7YY C . -10.00 -19.31 -11.81
F33 7YY C . -10.92 -18.31 -11.61
C34 7YY C . -9.14 -19.64 -10.79
C35 7YY C . -6.76 -18.99 -8.61
O36 7YY C . -6.05 -18.65 -9.52
N37 7YY C . -4.11 -17.95 -6.43
C11 7YY D . 0.97 21.63 10.31
C13 7YY D . -0.78 23.27 10.95
C14 7YY D . -1.23 24.36 10.17
C15 7YY D . -2.60 24.72 10.23
C01 7YY D . 3.64 19.33 4.33
N02 7YY D . 3.26 18.50 5.48
C03 7YY D . 3.41 17.20 5.56
N04 7YY D . 2.95 16.81 6.76
C05 7YY D . 2.53 17.93 7.38
C06 7YY D . 1.94 17.95 8.78
N07 7YY D . 1.62 19.26 9.30
C08 7YY D . 0.37 19.72 9.18
O09 7YY D . -0.60 18.95 8.51
N10 7YY D . 0.04 20.90 9.69
N12 7YY D . 0.61 22.91 10.88
C16 7YY D . -3.39 25.76 9.61
N17 7YY D . -4.62 25.60 10.02
C18 7YY D . -5.72 26.46 9.62
N19 7YY D . -4.71 24.59 10.87
C20 7YY D . -3.50 24.02 11.03
C21 7YY D . -3.05 22.93 11.79
C22 7YY D . -1.71 22.54 11.75
CL2 7YY D . -1.26 21.16 12.77
N24 7YY D . 2.21 21.17 10.46
C25 7YY D . 3.20 22.00 11.16
C26 7YY D . 3.33 21.62 12.64
C27 7YY D . 4.28 22.24 13.44
F28 7YY D . 5.10 23.20 12.92
C29 7YY D . 4.42 21.92 14.77
C30 7YY D . 3.60 20.96 15.34
F31 7YY D . 3.75 20.64 16.66
C32 7YY D . 2.65 20.33 14.55
F33 7YY D . 1.85 19.37 15.10
C34 7YY D . 2.51 20.66 13.21
C35 7YY D . 2.55 19.98 9.94
O36 7YY D . 3.68 19.57 10.05
N37 7YY D . 2.72 18.96 6.61
#